data_7FQT
#
_entry.id   7FQT
#
_cell.length_a   89.920
_cell.length_b   89.920
_cell.length_c   107.040
_cell.angle_alpha   90.000
_cell.angle_beta   90.000
_cell.angle_gamma   120.000
#
_symmetry.space_group_name_H-M   'P 31 2 1'
#
loop_
_entity.id
_entity.type
_entity.pdbx_description
1 polymer 'Tyrosine-protein phosphatase non-receptor type 1'
2 non-polymer 2-AMINO-2-HYDROXYMETHYL-PROPANE-1,3-DIOL
3 non-polymer 3,4,6,7-tetrahydroacridine-1,8(2H,5H)-dione
4 water water
#
_entity_poly.entity_id   1
_entity_poly.type   'polypeptide(L)'
_entity_poly.pdbx_seq_one_letter_code
;MEMEKEFEQIDKSGSWAAIYQDIRHEASDFPSRVAKLPKNKNRNRYRDVSPFDHSRIKLHQEDNDYINASLIKMEEAQRS
YILTQGPLPNTVGHFWEMVWEQKSRGVVMLNRVMEKGSLKCAQYWPQKEEKEMIFEDTNLKLTLISEDIKSYYTVRQLEL
ENLTTQETREILHFHYTTWPDFGVPESPASFLNFLFKVRESGSLSPEHGPVVVHCSAGIGRSGTFCLADTCLLLMDKRKD
PSSVDIKKVLLEMRKFRMGLIQTADQLRFSYLAVIEGAKFIMGDSSVQDQWKELSHEDLEPPPEHIPPPPRPPKRILEPH
N
;
_entity_poly.pdbx_strand_id   A
#
loop_
_chem_comp.id
_chem_comp.type
_chem_comp.name
_chem_comp.formula
JJY non-polymer 3,4,6,7-tetrahydroacridine-1,8(2H,5H)-dione 'C13 H13 N O2'
TRS non-polymer 2-AMINO-2-HYDROXYMETHYL-PROPANE-1,3-DIOL 'C4 H12 N O3 1'
#
# COMPACT_ATOMS: atom_id res chain seq x y z
N GLU A 2 -15.30 22.72 2.01
CA GLU A 2 -14.20 22.28 2.95
C GLU A 2 -14.62 20.97 3.65
N MET A 3 -13.65 20.07 3.82
CA MET A 3 -13.84 18.66 4.31
C MET A 3 -13.88 18.60 5.84
N GLU A 4 -13.33 19.61 6.53
CA GLU A 4 -13.37 19.70 8.02
C GLU A 4 -14.81 19.96 8.48
N LYS A 5 -15.55 20.77 7.72
CA LYS A 5 -16.98 21.07 7.99
C LYS A 5 -17.80 19.82 7.65
N GLU A 6 -17.54 19.24 6.47
CA GLU A 6 -18.15 17.99 5.95
C GLU A 6 -17.91 16.82 6.94
N PHE A 7 -16.80 16.86 7.69
CA PHE A 7 -16.43 15.81 8.68
C PHE A 7 -17.45 15.84 9.81
N GLU A 8 -17.50 16.98 10.53
CA GLU A 8 -18.42 17.26 11.67
C GLU A 8 -19.84 16.86 11.29
N GLN A 9 -20.28 17.22 10.07
CA GLN A 9 -21.64 16.97 9.51
C GLN A 9 -21.92 15.46 9.53
N ILE A 10 -21.12 14.67 8.82
CA ILE A 10 -21.26 13.18 8.73
C ILE A 10 -21.15 12.63 10.16
N ASP A 11 -20.22 13.18 10.96
CA ASP A 11 -19.88 12.70 12.32
C ASP A 11 -21.05 12.93 13.30
N LYS A 12 -21.56 14.16 13.36
CA LYS A 12 -22.70 14.56 14.24
C LYS A 12 -23.97 13.81 13.82
N SER A 13 -24.16 13.56 12.53
CA SER A 13 -25.32 12.80 12.00
C SER A 13 -25.02 11.29 11.89
N GLY A 14 -23.80 10.85 12.23
CA GLY A 14 -23.32 9.45 12.09
C GLY A 14 -23.71 8.83 10.74
N SER A 15 -23.35 9.45 9.62
CA SER A 15 -23.73 8.99 8.25
C SER A 15 -22.60 8.16 7.62
N TRP A 16 -21.57 7.76 8.38
CA TRP A 16 -20.34 7.14 7.81
C TRP A 16 -20.69 5.83 7.07
N ALA A 17 -21.55 4.98 7.63
CA ALA A 17 -22.02 3.72 6.96
C ALA A 17 -22.78 4.07 5.67
N ALA A 18 -23.49 5.21 5.64
CA ALA A 18 -24.26 5.71 4.48
C ALA A 18 -23.36 6.21 3.35
N ILE A 19 -22.41 7.11 3.67
CA ILE A 19 -21.40 7.69 2.73
C ILE A 19 -20.66 6.52 2.05
N TYR A 20 -20.10 5.63 2.88
CA TYR A 20 -19.25 4.49 2.47
C TYR A 20 -20.03 3.59 1.50
N GLN A 21 -21.33 3.36 1.75
CA GLN A 21 -22.21 2.58 0.85
C GLN A 21 -22.36 3.26 -0.52
N ASP A 22 -22.40 4.61 -0.61
CA ASP A 22 -22.52 5.31 -1.92
C ASP A 22 -21.25 5.10 -2.76
N ILE A 23 -20.08 5.06 -2.11
CA ILE A 23 -18.75 4.78 -2.72
C ILE A 23 -18.69 3.32 -3.20
N ARG A 24 -19.15 2.35 -2.38
CA ARG A 24 -19.35 0.93 -2.77
C ARG A 24 -20.12 0.86 -4.09
N HIS A 25 -21.26 1.57 -4.15
N HIS A 25 -21.23 1.58 -4.19
CA HIS A 25 -22.19 1.63 -5.31
CA HIS A 25 -22.16 1.53 -5.35
C HIS A 25 -21.48 2.26 -6.51
C HIS A 25 -21.58 2.32 -6.53
N GLU A 26 -20.81 3.38 -6.29
CA GLU A 26 -20.20 4.22 -7.38
C GLU A 26 -18.92 3.61 -7.95
N ALA A 27 -18.30 2.64 -7.29
CA ALA A 27 -16.94 2.13 -7.61
C ALA A 27 -16.95 1.38 -8.93
N SER A 28 -15.84 1.46 -9.66
CA SER A 28 -15.59 0.78 -10.96
C SER A 28 -15.64 -0.73 -10.77
N ASP A 29 -16.04 -1.45 -11.83
CA ASP A 29 -15.89 -2.91 -11.95
C ASP A 29 -15.30 -3.21 -13.34
N PHE A 30 -14.04 -3.62 -13.39
CA PHE A 30 -13.36 -4.07 -14.63
C PHE A 30 -13.15 -5.57 -14.52
N PRO A 31 -12.87 -6.24 -15.66
CA PRO A 31 -12.52 -7.65 -15.66
C PRO A 31 -11.25 -7.95 -14.88
N SER A 32 -11.22 -9.14 -14.25
N SER A 32 -11.21 -9.13 -14.22
CA SER A 32 -10.07 -9.76 -13.54
CA SER A 32 -10.00 -9.73 -13.60
C SER A 32 -9.87 -11.20 -14.05
C SER A 32 -9.89 -11.18 -14.06
N ARG A 33 -9.72 -11.37 -15.37
CA ARG A 33 -9.73 -12.73 -16.01
C ARG A 33 -8.48 -13.49 -15.62
N VAL A 34 -7.31 -12.85 -15.66
CA VAL A 34 -6.05 -13.59 -15.37
C VAL A 34 -6.04 -14.08 -13.92
N ALA A 35 -6.50 -13.30 -12.93
CA ALA A 35 -6.57 -13.71 -11.50
C ALA A 35 -7.43 -14.97 -11.34
N LYS A 36 -8.56 -15.06 -12.01
CA LYS A 36 -9.52 -16.18 -11.82
C LYS A 36 -9.11 -17.42 -12.63
N LEU A 37 -8.02 -17.40 -13.41
CA LEU A 37 -7.49 -18.62 -14.09
C LEU A 37 -7.21 -19.71 -13.05
N PRO A 38 -7.53 -20.99 -13.32
CA PRO A 38 -7.25 -22.06 -12.35
C PRO A 38 -5.77 -22.20 -11.97
N LYS A 39 -4.83 -21.96 -12.89
CA LYS A 39 -3.38 -22.11 -12.59
C LYS A 39 -2.93 -21.10 -11.50
N ASN A 40 -3.66 -20.02 -11.28
CA ASN A 40 -3.28 -18.92 -10.36
C ASN A 40 -4.07 -18.98 -9.06
N LYS A 41 -4.86 -20.05 -8.88
CA LYS A 41 -5.71 -20.30 -7.68
C LYS A 41 -4.85 -20.21 -6.43
N ASN A 42 -3.63 -20.78 -6.48
CA ASN A 42 -2.72 -20.90 -5.32
C ASN A 42 -1.84 -19.64 -5.14
N ARG A 43 -1.98 -18.62 -6.00
CA ARG A 43 -1.21 -17.35 -5.92
C ARG A 43 -2.09 -16.26 -5.30
N ASN A 44 -3.32 -16.57 -4.92
CA ASN A 44 -4.24 -15.56 -4.31
C ASN A 44 -4.54 -15.91 -2.86
N ARG A 45 -4.39 -14.95 -1.97
CA ARG A 45 -4.61 -15.10 -0.51
C ARG A 45 -6.11 -15.19 -0.26
N TYR A 46 -6.94 -14.30 -0.84
CA TYR A 46 -8.42 -14.33 -0.78
C TYR A 46 -8.96 -14.38 -2.22
N ARG A 47 -10.03 -15.16 -2.42
CA ARG A 47 -10.61 -15.44 -3.78
C ARG A 47 -11.45 -14.23 -4.25
N ASP A 48 -11.89 -13.38 -3.31
CA ASP A 48 -12.78 -12.21 -3.53
C ASP A 48 -11.96 -10.91 -3.66
N VAL A 49 -10.62 -10.94 -3.62
CA VAL A 49 -9.75 -9.74 -3.80
C VAL A 49 -8.77 -10.01 -4.94
N SER A 50 -8.99 -9.43 -6.12
CA SER A 50 -8.18 -9.68 -7.33
C SER A 50 -7.70 -8.38 -8.00
N PRO A 51 -6.53 -8.41 -8.67
CA PRO A 51 -6.12 -7.28 -9.49
C PRO A 51 -7.02 -7.23 -10.73
N PHE A 52 -7.40 -6.04 -11.21
CA PHE A 52 -8.03 -5.88 -12.56
C PHE A 52 -6.97 -6.26 -13.61
N ASP A 53 -7.40 -6.79 -14.76
CA ASP A 53 -6.45 -7.14 -15.84
C ASP A 53 -5.66 -5.90 -16.28
N HIS A 54 -6.28 -4.72 -16.29
CA HIS A 54 -5.76 -3.54 -17.04
C HIS A 54 -4.58 -2.92 -16.26
N SER A 55 -4.61 -3.04 -14.94
CA SER A 55 -3.66 -2.44 -13.96
C SER A 55 -2.79 -3.51 -13.25
N ARG A 56 -2.92 -4.81 -13.56
CA ARG A 56 -2.12 -5.85 -12.87
C ARG A 56 -0.63 -5.70 -13.16
N ILE A 57 0.23 -5.90 -12.17
CA ILE A 57 1.71 -5.96 -12.40
C ILE A 57 2.03 -7.32 -13.02
N LYS A 58 2.83 -7.36 -14.08
CA LYS A 58 3.25 -8.63 -14.71
C LYS A 58 4.68 -8.91 -14.29
N LEU A 59 4.95 -10.12 -13.82
CA LEU A 59 6.33 -10.66 -13.66
C LEU A 59 6.92 -10.92 -15.04
N HIS A 60 8.23 -10.62 -15.21
CA HIS A 60 8.99 -10.85 -16.47
C HIS A 60 9.46 -12.32 -16.60
N GLN A 61 8.97 -13.29 -15.85
CA GLN A 61 9.24 -14.73 -16.14
C GLN A 61 8.19 -15.19 -17.16
N GLU A 62 8.59 -16.08 -18.08
CA GLU A 62 7.84 -16.44 -19.33
C GLU A 62 6.76 -17.47 -19.00
N ASP A 63 7.09 -18.33 -18.04
CA ASP A 63 6.26 -19.44 -17.49
C ASP A 63 4.86 -18.91 -17.11
N ASN A 64 4.75 -18.15 -16.01
CA ASN A 64 3.50 -17.56 -15.47
C ASN A 64 3.82 -16.16 -14.98
N ASP A 65 3.19 -15.13 -15.53
CA ASP A 65 3.57 -13.74 -15.20
C ASP A 65 2.72 -13.19 -14.05
N TYR A 66 1.88 -14.02 -13.44
CA TYR A 66 0.84 -13.52 -12.49
C TYR A 66 1.41 -13.22 -11.09
N ILE A 67 1.03 -12.05 -10.58
CA ILE A 67 1.09 -11.81 -9.12
C ILE A 67 -0.11 -10.94 -8.75
N ASN A 68 -0.66 -11.17 -7.55
CA ASN A 68 -1.75 -10.31 -7.05
C ASN A 68 -1.17 -8.92 -6.69
N ALA A 69 -1.20 -7.98 -7.63
CA ALA A 69 -0.58 -6.65 -7.50
C ALA A 69 -1.13 -5.73 -8.57
N SER A 70 -1.46 -4.51 -8.20
CA SER A 70 -2.10 -3.48 -9.04
C SER A 70 -1.18 -2.24 -9.02
N LEU A 71 -0.96 -1.62 -10.16
CA LEU A 71 -0.31 -0.30 -10.22
C LEU A 71 -1.41 0.78 -10.14
N ILE A 72 -1.33 1.63 -9.12
N ILE A 72 -1.27 1.67 -9.15
CA ILE A 72 -2.20 2.83 -8.99
CA ILE A 72 -2.18 2.84 -8.96
C ILE A 72 -1.39 4.04 -9.48
C ILE A 72 -1.44 4.08 -9.44
N LYS A 73 -1.83 4.63 -10.60
CA LYS A 73 -1.23 5.86 -11.19
C LYS A 73 -2.17 6.98 -10.84
N MET A 74 -1.69 7.95 -10.07
CA MET A 74 -2.39 9.22 -9.82
C MET A 74 -1.77 10.31 -10.71
N GLU A 75 -2.50 10.70 -11.75
CA GLU A 75 -1.96 11.57 -12.84
C GLU A 75 -1.61 12.95 -12.28
N GLU A 76 -2.54 13.60 -11.60
CA GLU A 76 -2.40 15.00 -11.17
C GLU A 76 -1.31 15.13 -10.11
N ALA A 77 -1.22 14.15 -9.21
CA ALA A 77 -0.29 14.17 -8.06
C ALA A 77 1.11 13.71 -8.47
N GLN A 78 1.23 13.11 -9.66
N GLN A 78 1.23 13.15 -9.68
CA GLN A 78 2.51 12.57 -10.19
CA GLN A 78 2.45 12.51 -10.24
C GLN A 78 3.05 11.56 -9.16
C GLN A 78 3.03 11.58 -9.16
N ARG A 79 2.16 10.72 -8.64
CA ARG A 79 2.50 9.67 -7.66
C ARG A 79 1.99 8.33 -8.24
N SER A 80 2.78 7.28 -8.04
N SER A 80 2.74 7.26 -7.98
CA SER A 80 2.42 5.86 -8.35
CA SER A 80 2.40 5.86 -8.37
C SER A 80 2.63 5.01 -7.09
C SER A 80 2.75 4.90 -7.23
N TYR A 81 1.85 3.95 -6.96
CA TYR A 81 1.99 2.95 -5.87
C TYR A 81 1.70 1.61 -6.51
N ILE A 82 2.39 0.57 -6.04
CA ILE A 82 2.02 -0.84 -6.27
C ILE A 82 1.39 -1.32 -4.98
N LEU A 83 0.18 -1.85 -5.08
CA LEU A 83 -0.56 -2.42 -3.96
C LEU A 83 -0.66 -3.93 -4.16
N THR A 84 -0.25 -4.68 -3.16
CA THR A 84 -0.17 -6.17 -3.25
C THR A 84 -0.66 -6.79 -1.93
N GLN A 85 -1.11 -8.03 -2.01
CA GLN A 85 -1.40 -8.87 -0.82
C GLN A 85 -0.10 -9.11 -0.06
N GLY A 86 -0.17 -9.28 1.25
CA GLY A 86 0.93 -9.93 1.99
C GLY A 86 1.37 -11.20 1.25
N PRO A 87 2.66 -11.41 0.92
CA PRO A 87 3.02 -12.64 0.22
C PRO A 87 2.65 -13.91 1.01
N LEU A 88 2.31 -14.96 0.26
CA LEU A 88 2.18 -16.35 0.72
C LEU A 88 3.56 -17.00 0.78
N PRO A 89 3.70 -18.10 1.54
CA PRO A 89 4.93 -18.89 1.55
C PRO A 89 5.48 -19.23 0.17
N ASN A 90 4.58 -19.48 -0.78
CA ASN A 90 4.93 -19.93 -2.15
C ASN A 90 5.14 -18.73 -3.10
N THR A 91 4.85 -17.49 -2.67
CA THR A 91 5.02 -16.28 -3.54
C THR A 91 6.06 -15.30 -3.01
N VAL A 92 6.85 -15.65 -1.99
CA VAL A 92 7.86 -14.68 -1.47
C VAL A 92 8.90 -14.43 -2.57
N GLY A 93 9.24 -15.45 -3.35
CA GLY A 93 10.17 -15.30 -4.48
C GLY A 93 9.62 -14.31 -5.50
N HIS A 94 8.38 -14.53 -5.93
CA HIS A 94 7.61 -13.66 -6.85
C HIS A 94 7.69 -12.22 -6.36
N PHE A 95 7.31 -12.00 -5.11
CA PHE A 95 7.29 -10.65 -4.50
C PHE A 95 8.65 -9.95 -4.67
N TRP A 96 9.75 -10.59 -4.29
CA TRP A 96 11.09 -9.95 -4.42
C TRP A 96 11.50 -9.79 -5.89
N GLU A 97 11.02 -10.63 -6.82
CA GLU A 97 11.22 -10.43 -8.28
C GLU A 97 10.51 -9.16 -8.75
N MET A 98 9.28 -8.93 -8.30
CA MET A 98 8.52 -7.71 -8.70
C MET A 98 9.26 -6.47 -8.18
N VAL A 99 9.74 -6.48 -6.94
CA VAL A 99 10.52 -5.33 -6.35
C VAL A 99 11.75 -5.09 -7.22
N TRP A 100 12.47 -6.15 -7.58
CA TRP A 100 13.59 -6.02 -8.54
C TRP A 100 13.12 -5.39 -9.86
N GLU A 101 12.17 -6.04 -10.56
CA GLU A 101 11.77 -5.67 -11.93
C GLU A 101 11.19 -4.26 -11.97
N GLN A 102 10.47 -3.81 -10.95
CA GLN A 102 9.79 -2.49 -10.98
C GLN A 102 10.73 -1.38 -10.47
N LYS A 103 11.97 -1.72 -10.10
CA LYS A 103 13.02 -0.78 -9.59
C LYS A 103 12.50 0.02 -8.40
N SER A 104 11.73 -0.60 -7.49
CA SER A 104 11.17 0.03 -6.28
C SER A 104 12.27 0.22 -5.25
N ARG A 105 12.22 1.34 -4.52
N ARG A 105 12.20 1.32 -4.51
CA ARG A 105 13.18 1.68 -3.43
CA ARG A 105 13.17 1.71 -3.45
C ARG A 105 12.61 1.19 -2.09
C ARG A 105 12.62 1.28 -2.08
N GLY A 106 11.29 1.30 -1.90
CA GLY A 106 10.63 1.06 -0.60
C GLY A 106 9.58 -0.03 -0.63
N VAL A 107 9.51 -0.78 0.47
CA VAL A 107 8.37 -1.65 0.82
C VAL A 107 7.73 -1.14 2.12
N VAL A 108 6.45 -0.78 2.06
CA VAL A 108 5.62 -0.35 3.22
C VAL A 108 4.71 -1.51 3.65
N MET A 109 4.82 -1.93 4.90
CA MET A 109 4.06 -3.06 5.51
C MET A 109 3.22 -2.53 6.68
N LEU A 110 1.90 -2.74 6.64
CA LEU A 110 0.96 -2.12 7.61
C LEU A 110 0.28 -3.17 8.48
N ASN A 111 0.82 -4.39 8.49
CA ASN A 111 0.29 -5.51 9.31
C ASN A 111 1.48 -6.14 10.04
N ARG A 112 1.19 -6.82 11.16
CA ARG A 112 2.05 -7.83 11.83
C ARG A 112 1.89 -9.17 11.09
N VAL A 113 2.91 -10.03 11.18
CA VAL A 113 2.92 -11.39 10.56
C VAL A 113 1.77 -12.27 11.12
N MET A 114 1.48 -12.11 12.41
CA MET A 114 0.35 -12.80 13.10
C MET A 114 -0.59 -11.76 13.74
N GLU A 115 -1.89 -11.85 13.42
CA GLU A 115 -2.94 -11.00 14.02
C GLU A 115 -4.16 -11.88 14.27
N LYS A 116 -4.78 -11.74 15.45
CA LYS A 116 -5.98 -12.51 15.84
C LYS A 116 -5.66 -14.02 15.81
N GLY A 117 -4.43 -14.41 16.18
CA GLY A 117 -3.98 -15.80 16.27
C GLY A 117 -3.81 -16.50 14.92
N SER A 118 -3.82 -15.77 13.80
CA SER A 118 -3.64 -16.39 12.46
C SER A 118 -2.49 -15.72 11.69
N LEU A 119 -2.04 -16.34 10.61
CA LEU A 119 -0.93 -15.74 9.80
C LEU A 119 -1.52 -14.80 8.75
N LYS A 120 -1.08 -13.55 8.73
CA LYS A 120 -1.67 -12.53 7.83
C LYS A 120 -0.72 -12.31 6.63
N CYS A 121 0.38 -13.06 6.61
CA CYS A 121 1.59 -12.75 5.82
C CYS A 121 2.71 -13.75 6.14
N ALA A 122 3.47 -14.18 5.12
CA ALA A 122 4.74 -14.94 5.29
C ALA A 122 5.83 -14.01 5.84
N GLN A 123 6.76 -14.55 6.63
CA GLN A 123 8.01 -13.88 7.05
C GLN A 123 8.92 -13.83 5.81
N TYR A 124 8.91 -12.73 5.07
CA TYR A 124 9.55 -12.62 3.73
C TYR A 124 10.90 -11.86 3.80
N TRP A 125 11.32 -11.40 4.98
CA TRP A 125 12.66 -10.76 5.14
C TRP A 125 13.48 -11.46 6.24
N PRO A 126 14.83 -11.34 6.22
CA PRO A 126 15.68 -11.98 7.23
C PRO A 126 15.56 -11.29 8.60
N GLN A 127 15.73 -12.07 9.68
CA GLN A 127 15.56 -11.61 11.09
C GLN A 127 16.94 -11.26 11.68
N LYS A 128 18.01 -11.69 11.04
CA LYS A 128 19.36 -11.61 11.61
C LYS A 128 20.30 -11.32 10.43
N GLU A 129 21.24 -10.40 10.63
CA GLU A 129 22.30 -10.01 9.67
C GLU A 129 22.92 -11.25 9.02
N GLU A 130 23.25 -12.27 9.81
CA GLU A 130 24.16 -13.37 9.39
C GLU A 130 23.37 -14.50 8.74
N LYS A 131 22.02 -14.46 8.81
CA LYS A 131 21.12 -15.49 8.21
C LYS A 131 20.34 -14.84 7.08
N GLU A 132 20.97 -14.77 5.90
CA GLU A 132 20.35 -14.26 4.66
C GLU A 132 19.38 -15.30 4.08
N MET A 133 18.48 -14.87 3.19
CA MET A 133 17.51 -15.76 2.50
C MET A 133 17.86 -15.80 1.01
N ILE A 134 17.77 -16.98 0.42
CA ILE A 134 17.89 -17.21 -1.03
C ILE A 134 16.52 -17.67 -1.55
N PHE A 135 16.06 -17.03 -2.62
CA PHE A 135 14.86 -17.44 -3.39
C PHE A 135 15.41 -18.16 -4.62
N GLU A 136 15.39 -19.48 -4.57
CA GLU A 136 15.97 -20.35 -5.63
C GLU A 136 15.21 -20.12 -6.92
N ASP A 137 13.89 -20.05 -6.81
CA ASP A 137 12.96 -19.95 -7.96
C ASP A 137 13.17 -18.63 -8.73
N THR A 138 13.57 -17.54 -8.09
CA THR A 138 13.68 -16.21 -8.76
C THR A 138 15.13 -15.73 -8.79
N ASN A 139 16.05 -16.45 -8.14
CA ASN A 139 17.52 -16.24 -8.25
C ASN A 139 17.92 -14.93 -7.58
N LEU A 140 17.40 -14.68 -6.39
CA LEU A 140 17.60 -13.43 -5.63
C LEU A 140 18.14 -13.78 -4.25
N LYS A 141 19.04 -12.98 -3.71
CA LYS A 141 19.53 -13.12 -2.32
C LYS A 141 19.19 -11.85 -1.55
N LEU A 142 18.72 -12.00 -0.32
CA LEU A 142 18.20 -10.87 0.51
C LEU A 142 18.86 -10.87 1.90
N THR A 143 19.55 -9.79 2.24
CA THR A 143 20.36 -9.71 3.47
C THR A 143 19.87 -8.55 4.36
N LEU A 144 19.68 -8.78 5.66
CA LEU A 144 19.40 -7.68 6.62
C LEU A 144 20.70 -6.91 6.87
N ILE A 145 20.78 -5.60 6.58
CA ILE A 145 21.99 -4.75 6.75
C ILE A 145 21.88 -4.04 8.09
N SER A 146 20.74 -3.43 8.38
CA SER A 146 20.50 -2.72 9.65
C SER A 146 19.00 -2.75 9.96
N GLU A 147 18.63 -2.26 11.13
CA GLU A 147 17.25 -2.37 11.64
C GLU A 147 17.13 -1.41 12.81
N ASP A 148 16.13 -0.56 12.77
CA ASP A 148 16.01 0.60 13.68
C ASP A 148 14.57 0.56 14.19
N ILE A 149 14.38 -0.07 15.34
CA ILE A 149 13.06 -0.33 15.99
C ILE A 149 12.65 0.91 16.81
N LYS A 150 11.49 1.50 16.53
CA LYS A 150 10.92 2.59 17.34
C LYS A 150 9.58 2.15 17.93
N SER A 151 8.95 3.01 18.71
CA SER A 151 7.70 2.68 19.45
C SER A 151 6.61 2.18 18.51
N TYR A 152 6.41 2.88 17.37
CA TYR A 152 5.23 2.73 16.49
C TYR A 152 5.60 2.01 15.19
N TYR A 153 6.88 1.97 14.81
CA TYR A 153 7.33 1.46 13.49
C TYR A 153 8.80 1.02 13.54
N THR A 154 9.18 0.16 12.61
CA THR A 154 10.56 -0.34 12.46
C THR A 154 10.99 -0.03 11.04
N VAL A 155 12.25 0.39 10.86
CA VAL A 155 12.84 0.65 9.52
C VAL A 155 13.98 -0.33 9.36
N ARG A 156 13.98 -1.05 8.27
CA ARG A 156 15.10 -1.98 8.02
C ARG A 156 15.77 -1.58 6.72
N GLN A 157 17.10 -1.69 6.69
N GLN A 157 17.10 -1.72 6.71
CA GLN A 157 17.91 -1.56 5.45
CA GLN A 157 17.95 -1.61 5.50
C GLN A 157 18.22 -2.98 4.97
C GLN A 157 18.19 -3.02 4.99
N LEU A 158 17.85 -3.30 3.73
CA LEU A 158 18.01 -4.65 3.15
C LEU A 158 18.87 -4.52 1.89
N GLU A 159 19.71 -5.50 1.61
CA GLU A 159 20.39 -5.62 0.31
C GLU A 159 19.75 -6.76 -0.46
N LEU A 160 19.23 -6.43 -1.62
CA LEU A 160 18.69 -7.40 -2.60
C LEU A 160 19.70 -7.51 -3.74
N GLU A 161 20.19 -8.71 -3.97
CA GLU A 161 21.19 -9.04 -5.01
C GLU A 161 20.57 -9.96 -6.07
N ASN A 162 20.79 -9.60 -7.32
CA ASN A 162 20.43 -10.47 -8.47
C ASN A 162 21.55 -11.48 -8.64
N LEU A 163 21.32 -12.74 -8.26
CA LEU A 163 22.37 -13.79 -8.30
C LEU A 163 22.79 -14.05 -9.75
N THR A 164 21.90 -13.80 -10.71
CA THR A 164 22.11 -14.04 -12.16
C THR A 164 23.13 -13.03 -12.70
N THR A 165 23.20 -11.81 -12.18
CA THR A 165 23.95 -10.68 -12.79
C THR A 165 24.89 -10.02 -11.78
N GLN A 166 24.77 -10.38 -10.51
CA GLN A 166 25.56 -9.81 -9.39
C GLN A 166 25.30 -8.32 -9.16
N GLU A 167 24.30 -7.67 -9.77
CA GLU A 167 23.90 -6.31 -9.29
C GLU A 167 23.28 -6.44 -7.88
N THR A 168 23.45 -5.40 -7.07
CA THR A 168 22.83 -5.30 -5.73
C THR A 168 22.08 -3.98 -5.63
N ARG A 169 21.02 -3.96 -4.83
CA ARG A 169 20.22 -2.74 -4.58
C ARG A 169 19.92 -2.69 -3.09
N GLU A 170 19.89 -1.48 -2.58
CA GLU A 170 19.46 -1.19 -1.21
C GLU A 170 17.93 -1.05 -1.28
N ILE A 171 17.23 -1.80 -0.44
CA ILE A 171 15.76 -1.61 -0.24
C ILE A 171 15.49 -1.20 1.20
N LEU A 172 14.59 -0.26 1.36
CA LEU A 172 14.09 0.14 2.71
C LEU A 172 12.77 -0.55 2.97
N HIS A 173 12.63 -1.16 4.13
CA HIS A 173 11.38 -1.79 4.60
C HIS A 173 10.85 -0.95 5.77
N PHE A 174 9.77 -0.19 5.55
CA PHE A 174 8.99 0.53 6.57
C PHE A 174 7.86 -0.35 7.08
N HIS A 175 7.89 -0.72 8.34
CA HIS A 175 6.91 -1.64 8.97
C HIS A 175 6.14 -0.93 10.10
N TYR A 176 4.87 -0.59 9.92
CA TYR A 176 4.01 0.02 10.96
C TYR A 176 3.49 -1.13 11.83
N THR A 177 3.92 -1.16 13.07
CA THR A 177 3.79 -2.36 13.94
C THR A 177 2.65 -2.21 14.95
N THR A 178 1.90 -1.10 14.94
CA THR A 178 0.97 -0.72 16.04
C THR A 178 -0.43 -0.43 15.53
N TRP A 179 -0.80 -0.88 14.33
CA TRP A 179 -2.22 -0.91 13.90
C TRP A 179 -2.92 -1.95 14.80
N PRO A 180 -3.97 -1.58 15.56
CA PRO A 180 -4.61 -2.54 16.45
C PRO A 180 -5.30 -3.67 15.68
N ASP A 181 -5.45 -4.84 16.32
CA ASP A 181 -6.03 -6.09 15.77
C ASP A 181 -7.47 -5.84 15.32
N PHE A 182 -8.18 -4.99 16.06
CA PHE A 182 -9.58 -4.55 15.79
C PHE A 182 -9.58 -3.02 15.62
N GLY A 183 -10.38 -2.52 14.68
CA GLY A 183 -10.62 -1.07 14.52
C GLY A 183 -9.49 -0.33 13.84
N VAL A 184 -9.32 0.94 14.18
CA VAL A 184 -8.26 1.85 13.61
C VAL A 184 -7.57 2.50 14.80
N PRO A 185 -6.40 3.13 14.66
CA PRO A 185 -5.81 3.90 15.76
C PRO A 185 -6.80 4.96 16.26
N GLU A 186 -6.68 5.39 17.52
CA GLU A 186 -7.51 6.48 18.09
C GLU A 186 -7.06 7.80 17.46
N SER A 187 -5.77 8.07 17.51
CA SER A 187 -5.13 9.27 16.92
C SER A 187 -4.36 8.87 15.66
N PRO A 188 -4.45 9.66 14.57
CA PRO A 188 -3.54 9.51 13.43
C PRO A 188 -2.12 10.07 13.55
N ALA A 189 -1.72 10.60 14.70
CA ALA A 189 -0.36 11.19 14.88
C ALA A 189 0.73 10.22 14.42
N SER A 190 0.67 8.96 14.86
CA SER A 190 1.78 8.01 14.63
C SER A 190 1.77 7.56 13.16
N PHE A 191 0.60 7.41 12.57
CA PHE A 191 0.46 7.09 11.13
C PHE A 191 1.03 8.24 10.26
N LEU A 192 0.75 9.49 10.64
CA LEU A 192 1.27 10.64 9.87
C LEU A 192 2.78 10.71 9.99
N ASN A 193 3.33 10.41 11.16
N ASN A 193 3.35 10.39 11.15
CA ASN A 193 4.79 10.36 11.42
CA ASN A 193 4.82 10.42 11.37
C ASN A 193 5.42 9.33 10.48
C ASN A 193 5.46 9.29 10.55
N PHE A 194 4.73 8.20 10.30
CA PHE A 194 5.22 7.06 9.50
C PHE A 194 5.23 7.50 8.03
N LEU A 195 4.10 8.04 7.58
CA LEU A 195 3.92 8.53 6.18
C LEU A 195 5.11 9.44 5.82
N PHE A 196 5.40 10.46 6.63
CA PHE A 196 6.51 11.41 6.40
C PHE A 196 7.85 10.67 6.41
N LYS A 197 8.02 9.71 7.32
CA LYS A 197 9.27 8.91 7.43
C LYS A 197 9.57 8.23 6.08
N VAL A 198 8.56 7.63 5.45
CA VAL A 198 8.66 6.99 4.10
C VAL A 198 9.00 8.06 3.07
N ARG A 199 8.31 9.21 3.12
CA ARG A 199 8.46 10.33 2.15
C ARG A 199 9.91 10.85 2.20
N GLU A 200 10.39 11.24 3.39
CA GLU A 200 11.78 11.74 3.58
C GLU A 200 12.81 10.74 3.06
N SER A 201 12.51 9.44 3.05
CA SER A 201 13.45 8.39 2.61
C SER A 201 13.75 8.49 1.12
N GLY A 202 12.98 9.27 0.36
CA GLY A 202 13.05 9.26 -1.11
C GLY A 202 12.29 8.11 -1.77
N SER A 203 11.56 7.28 -1.02
CA SER A 203 10.95 6.05 -1.57
C SER A 203 9.74 6.37 -2.47
N LEU A 204 9.12 7.53 -2.30
CA LEU A 204 7.90 7.99 -3.02
C LEU A 204 8.26 8.89 -4.20
N SER A 205 9.53 9.00 -4.55
CA SER A 205 9.98 10.04 -5.52
C SER A 205 10.14 9.43 -6.90
N PRO A 206 9.83 10.23 -7.96
CA PRO A 206 9.82 9.75 -9.34
C PRO A 206 11.17 9.27 -9.89
N GLU A 207 12.27 9.63 -9.22
N GLU A 207 12.27 9.61 -9.21
CA GLU A 207 13.62 9.10 -9.50
CA GLU A 207 13.63 9.10 -9.55
C GLU A 207 13.56 7.57 -9.43
C GLU A 207 13.71 7.59 -9.26
N HIS A 208 12.75 7.04 -8.51
CA HIS A 208 12.66 5.56 -8.24
C HIS A 208 11.39 4.93 -8.81
N GLY A 209 11.37 3.60 -8.85
CA GLY A 209 10.18 2.84 -9.21
C GLY A 209 9.12 3.06 -8.14
N PRO A 210 7.89 2.54 -8.36
CA PRO A 210 6.79 2.80 -7.44
C PRO A 210 7.08 2.10 -6.11
N VAL A 211 6.62 2.70 -5.03
CA VAL A 211 6.68 2.05 -3.70
C VAL A 211 5.76 0.83 -3.74
N VAL A 212 6.12 -0.23 -3.02
CA VAL A 212 5.28 -1.44 -2.82
C VAL A 212 4.58 -1.30 -1.47
N VAL A 213 3.28 -1.46 -1.39
CA VAL A 213 2.50 -1.22 -0.14
C VAL A 213 1.64 -2.45 0.09
N HIS A 214 1.72 -3.10 1.24
CA HIS A 214 0.85 -4.28 1.51
C HIS A 214 0.31 -4.23 2.93
N CYS A 215 -0.89 -4.75 3.11
CA CYS A 215 -1.40 -5.25 4.42
C CYS A 215 -1.58 -6.78 4.25
N SER A 216 -2.73 -7.34 4.62
N SER A 216 -2.74 -7.31 4.64
CA SER A 216 -3.05 -8.77 4.36
CA SER A 216 -3.14 -8.73 4.41
C SER A 216 -3.62 -8.90 2.94
C SER A 216 -3.62 -8.88 2.97
N ALA A 217 -4.75 -8.24 2.65
CA ALA A 217 -5.39 -8.27 1.31
C ALA A 217 -4.80 -7.19 0.37
N GLY A 218 -4.12 -6.17 0.91
CA GLY A 218 -3.62 -5.03 0.12
C GLY A 218 -4.73 -4.10 -0.39
N ILE A 219 -5.68 -3.66 0.46
CA ILE A 219 -6.85 -2.83 0.03
C ILE A 219 -7.34 -1.95 1.18
N GLY A 220 -7.42 -2.48 2.40
CA GLY A 220 -7.90 -1.75 3.59
C GLY A 220 -6.89 -0.73 4.07
N ARG A 221 -5.94 -1.16 4.90
CA ARG A 221 -4.89 -0.25 5.50
C ARG A 221 -4.00 0.33 4.39
N SER A 222 -3.62 -0.47 3.38
CA SER A 222 -2.86 -0.02 2.20
C SER A 222 -3.63 1.10 1.52
N GLY A 223 -4.95 0.94 1.44
CA GLY A 223 -5.86 1.96 0.89
C GLY A 223 -5.68 3.30 1.59
N THR A 224 -5.65 3.27 2.93
N THR A 224 -5.63 3.28 2.93
CA THR A 224 -5.56 4.49 3.78
CA THR A 224 -5.56 4.48 3.79
C THR A 224 -4.20 5.16 3.54
C THR A 224 -4.21 5.17 3.57
N PHE A 225 -3.13 4.38 3.46
CA PHE A 225 -1.78 4.91 3.21
C PHE A 225 -1.77 5.82 1.96
N CYS A 226 -2.22 5.31 0.81
N CYS A 226 -2.23 5.28 0.82
CA CYS A 226 -2.04 6.00 -0.49
CA CYS A 226 -2.13 5.96 -0.49
C CYS A 226 -3.09 7.11 -0.69
C CYS A 226 -3.04 7.19 -0.50
N LEU A 227 -4.27 6.99 -0.08
CA LEU A 227 -5.28 8.07 -0.05
C LEU A 227 -4.75 9.27 0.75
N ALA A 228 -4.12 9.04 1.89
CA ALA A 228 -3.60 10.14 2.73
C ALA A 228 -2.45 10.81 1.98
N ASP A 229 -1.47 10.02 1.52
CA ASP A 229 -0.33 10.57 0.71
C ASP A 229 -0.88 11.48 -0.41
N THR A 230 -1.89 11.04 -1.17
CA THR A 230 -2.26 11.64 -2.47
C THR A 230 -3.00 12.94 -2.17
N CYS A 231 -4.02 12.87 -1.33
CA CYS A 231 -4.78 14.06 -0.88
C CYS A 231 -3.84 15.14 -0.33
N LEU A 232 -2.92 14.79 0.56
CA LEU A 232 -2.03 15.79 1.17
C LEU A 232 -1.16 16.47 0.10
N LEU A 233 -0.70 15.70 -0.88
N LEU A 233 -0.67 15.69 -0.86
CA LEU A 233 0.16 16.20 -2.00
CA LEU A 233 0.14 16.18 -2.03
C LEU A 233 -0.66 17.12 -2.92
C LEU A 233 -0.69 17.17 -2.85
N LEU A 234 -1.93 16.81 -3.18
CA LEU A 234 -2.83 17.62 -4.04
C LEU A 234 -3.12 18.95 -3.36
N MET A 235 -3.19 18.98 -2.04
CA MET A 235 -3.44 20.23 -1.28
C MET A 235 -2.25 21.18 -1.45
N ASP A 236 -1.03 20.65 -1.57
CA ASP A 236 0.18 21.47 -1.84
C ASP A 236 0.17 21.96 -3.29
N LYS A 237 -0.34 21.16 -4.22
CA LYS A 237 -0.22 21.35 -5.69
C LYS A 237 -1.27 22.36 -6.16
N ARG A 238 -2.32 22.61 -5.40
CA ARG A 238 -3.51 23.32 -5.94
C ARG A 238 -3.59 24.74 -5.40
N LYS A 239 -4.07 25.65 -6.27
CA LYS A 239 -4.36 27.06 -5.92
C LYS A 239 -5.32 27.07 -4.74
N ASP A 240 -6.42 26.33 -4.84
CA ASP A 240 -7.37 26.20 -3.71
C ASP A 240 -7.25 24.79 -3.11
N PRO A 241 -6.58 24.65 -1.94
CA PRO A 241 -6.48 23.36 -1.25
C PRO A 241 -7.81 22.70 -0.85
N SER A 242 -8.87 23.51 -0.66
CA SER A 242 -10.19 23.03 -0.16
C SER A 242 -10.99 22.44 -1.33
N SER A 243 -10.46 22.51 -2.56
CA SER A 243 -11.09 21.92 -3.78
C SER A 243 -10.87 20.42 -3.80
N VAL A 244 -10.06 19.87 -2.88
CA VAL A 244 -9.68 18.43 -2.84
C VAL A 244 -10.82 17.66 -2.13
N ASP A 245 -11.55 16.85 -2.89
CA ASP A 245 -12.64 15.98 -2.41
C ASP A 245 -12.07 14.57 -2.26
N ILE A 246 -12.04 14.05 -1.03
N ILE A 246 -12.03 14.07 -1.01
CA ILE A 246 -11.45 12.72 -0.71
CA ILE A 246 -11.52 12.72 -0.65
C ILE A 246 -12.30 11.60 -1.38
C ILE A 246 -12.28 11.65 -1.44
N LYS A 247 -13.61 11.79 -1.50
CA LYS A 247 -14.51 10.80 -2.17
C LYS A 247 -14.11 10.69 -3.65
N LYS A 248 -13.75 11.81 -4.28
CA LYS A 248 -13.40 11.84 -5.73
C LYS A 248 -12.09 11.07 -5.94
N VAL A 249 -11.12 11.34 -5.10
CA VAL A 249 -9.76 10.72 -5.13
C VAL A 249 -9.86 9.21 -4.84
N LEU A 250 -10.57 8.81 -3.78
CA LEU A 250 -10.81 7.38 -3.49
C LEU A 250 -11.36 6.66 -4.72
N LEU A 251 -12.34 7.25 -5.40
CA LEU A 251 -13.03 6.61 -6.56
C LEU A 251 -12.08 6.50 -7.76
N GLU A 252 -11.16 7.45 -7.92
N GLU A 252 -11.14 7.42 -7.91
CA GLU A 252 -10.13 7.45 -8.99
CA GLU A 252 -10.10 7.36 -8.98
C GLU A 252 -9.12 6.33 -8.73
C GLU A 252 -9.19 6.16 -8.69
N MET A 253 -8.83 6.05 -7.45
N MET A 253 -8.71 6.02 -7.46
CA MET A 253 -7.86 5.00 -7.05
CA MET A 253 -7.78 4.93 -7.07
C MET A 253 -8.50 3.64 -7.30
C MET A 253 -8.48 3.58 -7.29
N ARG A 254 -9.80 3.51 -7.02
CA ARG A 254 -10.58 2.25 -7.19
C ARG A 254 -10.76 1.84 -8.67
N LYS A 255 -10.35 2.66 -9.63
CA LYS A 255 -10.32 2.27 -11.05
C LYS A 255 -9.18 1.27 -11.24
N PHE A 256 -8.18 1.37 -10.36
CA PHE A 256 -6.87 0.69 -10.45
C PHE A 256 -6.90 -0.62 -9.65
N ARG A 257 -7.58 -0.63 -8.49
CA ARG A 257 -7.70 -1.83 -7.60
C ARG A 257 -9.00 -1.74 -6.81
N MET A 258 -9.75 -2.85 -6.81
CA MET A 258 -11.07 -2.98 -6.11
C MET A 258 -10.86 -2.84 -4.60
N GLY A 259 -11.79 -2.20 -3.90
CA GLY A 259 -11.98 -2.45 -2.45
C GLY A 259 -11.19 -1.51 -1.54
N LEU A 260 -10.36 -0.63 -2.08
CA LEU A 260 -9.49 0.26 -1.27
C LEU A 260 -10.33 0.97 -0.21
N ILE A 261 -9.99 0.80 1.08
CA ILE A 261 -10.80 1.20 2.28
C ILE A 261 -11.94 0.18 2.45
N GLN A 262 -11.79 -0.71 3.41
N GLN A 262 -11.82 -0.74 3.39
CA GLN A 262 -12.64 -1.93 3.62
CA GLN A 262 -12.74 -1.91 3.52
C GLN A 262 -13.85 -1.59 4.50
C GLN A 262 -13.82 -1.65 4.57
N THR A 263 -13.77 -0.53 5.32
CA THR A 263 -14.79 -0.22 6.36
C THR A 263 -15.03 1.29 6.42
N ALA A 264 -16.19 1.66 6.98
CA ALA A 264 -16.58 3.07 7.26
C ALA A 264 -15.65 3.68 8.31
N ASP A 265 -15.11 2.84 9.19
CA ASP A 265 -14.11 3.21 10.21
C ASP A 265 -12.85 3.72 9.51
N GLN A 266 -12.42 2.99 8.49
CA GLN A 266 -11.16 3.33 7.76
C GLN A 266 -11.35 4.65 7.00
N LEU A 267 -12.53 4.83 6.35
CA LEU A 267 -12.95 6.08 5.66
C LEU A 267 -12.88 7.27 6.63
N ARG A 268 -13.47 7.14 7.81
CA ARG A 268 -13.45 8.22 8.84
C ARG A 268 -12.00 8.57 9.17
N PHE A 269 -11.22 7.54 9.48
CA PHE A 269 -9.80 7.66 9.90
C PHE A 269 -8.97 8.34 8.80
N SER A 270 -9.34 8.14 7.54
CA SER A 270 -8.64 8.70 6.36
C SER A 270 -8.91 10.19 6.29
N TYR A 271 -10.16 10.62 6.45
CA TYR A 271 -10.50 12.06 6.57
C TYR A 271 -9.66 12.69 7.69
N LEU A 272 -9.68 12.04 8.86
N LEU A 272 -9.65 12.03 8.85
CA LEU A 272 -8.97 12.51 10.09
CA LEU A 272 -8.97 12.51 10.08
C LEU A 272 -7.47 12.68 9.79
C LEU A 272 -7.47 12.66 9.83
N ALA A 273 -6.86 11.71 9.13
CA ALA A 273 -5.41 11.73 8.83
C ALA A 273 -5.10 12.92 7.92
N VAL A 274 -5.92 13.11 6.90
CA VAL A 274 -5.75 14.20 5.90
C VAL A 274 -5.96 15.55 6.58
N ILE A 275 -7.03 15.69 7.37
CA ILE A 275 -7.42 16.92 8.11
C ILE A 275 -6.32 17.29 9.10
N GLU A 276 -5.84 16.34 9.89
CA GLU A 276 -4.77 16.58 10.89
C GLU A 276 -3.50 16.93 10.14
N GLY A 277 -3.19 16.15 9.09
CA GLY A 277 -2.00 16.32 8.24
C GLY A 277 -1.97 17.69 7.60
N ALA A 278 -3.14 18.20 7.18
CA ALA A 278 -3.32 19.54 6.58
C ALA A 278 -2.82 20.62 7.55
N LYS A 279 -3.25 20.55 8.82
CA LYS A 279 -2.85 21.50 9.90
C LYS A 279 -1.33 21.47 10.12
N PHE A 280 -0.70 20.29 10.14
CA PHE A 280 0.76 20.11 10.38
C PHE A 280 1.58 20.87 9.34
N ILE A 281 1.10 20.93 8.09
CA ILE A 281 1.79 21.62 6.96
C ILE A 281 1.55 23.13 7.12
N MET A 282 0.27 23.54 7.08
CA MET A 282 -0.18 24.97 6.98
C MET A 282 -0.03 25.65 8.34
C TRS B . -4.52 1.26 -18.88
C1 TRS B . -3.20 1.89 -19.35
C2 TRS B . -4.77 1.55 -17.39
C3 TRS B . -4.53 -0.24 -19.15
N TRS B . -5.63 1.87 -19.71
O1 TRS B . -3.30 3.30 -19.44
O2 TRS B . -3.96 0.80 -16.49
O3 TRS B . -3.40 -0.67 -19.90
H11 TRS B . -2.97 1.53 -20.24
H12 TRS B . -2.49 1.64 -18.73
H21 TRS B . -5.71 1.38 -17.19
H22 TRS B . -4.60 2.50 -17.23
H31 TRS B . -5.34 -0.48 -19.64
H32 TRS B . -4.54 -0.73 -18.30
HN1 TRS B . -5.99 1.27 -20.28
HN2 TRS B . -5.30 2.57 -20.20
HN3 TRS B . -6.29 2.20 -19.18
HO1 TRS B . -2.45 3.50 -19.70
HO2 TRS B . -4.15 1.04 -15.70
HO3 TRS B . -2.58 -0.49 -19.26
C10 JJY C . -0.15 -21.29 1.69
C15 JJY C . -3.22 -22.31 -1.01
O01 JJY C . -5.11 -23.54 -2.77
C02 JJY C . -3.97 -24.00 -2.69
C03 JJY C . -3.60 -25.26 -3.43
C04 JJY C . -2.25 -25.84 -3.07
C05 JJY C . -1.18 -24.77 -3.05
C06 JJY C . -1.54 -23.67 -2.09
N07 JJY C . -0.56 -23.07 -1.43
C08 JJY C . -0.86 -22.10 -0.56
C09 JJY C . 0.23 -21.45 0.22
C11 JJY C . -1.53 -20.64 1.89
C12 JJY C . -2.43 -20.64 0.69
O13 JJY C . -3.33 -19.83 0.60
C14 JJY C . -2.19 -21.69 -0.33
C16 JJY C . -2.90 -23.32 -1.90
H102 JJY C . 0.52 -20.74 2.14
H101 JJY C . -0.15 -22.17 2.11
H151 JJY C . -4.11 -22.06 -0.86
H032 JJY C . -3.61 -25.06 -4.38
H031 JJY C . -4.28 -25.92 -3.27
H042 JJY C . -2.30 -26.28 -2.20
H041 JJY C . -2.00 -26.53 -3.74
H052 JJY C . -0.33 -25.16 -2.77
H051 JJY C . -1.06 -24.39 -3.94
H091 JJY C . 1.05 -21.99 0.15
H092 JJY C . 0.43 -20.57 -0.16
H111 JJY C . -1.39 -19.72 2.16
H112 JJY C . -1.97 -21.10 2.61
#